data_5EYL
#
_entry.id   5EYL
#
_cell.length_a   105.311
_cell.length_b   105.311
_cell.length_c   192.962
_cell.angle_alpha   90.00
_cell.angle_beta   90.00
_cell.angle_gamma   120.00
#
_symmetry.space_group_name_H-M   'H 3 2'
#
loop_
_entity.id
_entity.type
_entity.pdbx_description
1 polymer 'DESIGNED ANKYRIN REPEAT PROTEIN (DARPIN)'
2 non-polymer 'PHOSPHATE ION'
3 non-polymer GLYCEROL
4 water water
#
_entity_poly.entity_id   1
_entity_poly.type   'polypeptide(L)'
_entity_poly.pdbx_seq_one_letter_code
;MRGSHHHHHHGSDLGKKLLEAARAGQDDEVRILMANGADVNATDASGLTPLHLAATYGHLEIVEVLLKHGADVNAIDIMG
STPLHLAALIGHLEIVEVLLKHGADVNAVDTWGDTPLRLAAIMGHLEIVEVLLKHGADVNAQDKFGKTAFDTSIDNGSED
LAEILQKLN
;
_entity_poly.pdbx_strand_id   A,B
#
# COMPACT_ATOMS: atom_id res chain seq x y z
N GLY A 11 7.22 -25.81 12.73
CA GLY A 11 6.69 -25.00 13.83
C GLY A 11 6.43 -23.55 13.49
N SER A 12 5.90 -22.79 14.47
CA SER A 12 5.59 -21.39 14.26
C SER A 12 6.78 -20.43 14.26
N ASP A 13 6.68 -19.34 13.47
CA ASP A 13 7.71 -18.32 13.37
C ASP A 13 7.32 -17.13 14.28
N LEU A 14 8.05 -16.94 15.40
CA LEU A 14 7.79 -15.86 16.35
C LEU A 14 7.96 -14.47 15.76
N GLY A 15 8.94 -14.31 14.87
CA GLY A 15 9.20 -13.04 14.21
C GLY A 15 8.04 -12.62 13.32
N LYS A 16 7.44 -13.57 12.58
CA LYS A 16 6.29 -13.31 11.72
C LYS A 16 5.10 -12.92 12.62
N LYS A 17 4.89 -13.63 13.76
CA LYS A 17 3.82 -13.27 14.68
C LYS A 17 4.01 -11.89 15.27
N LEU A 18 5.27 -11.51 15.60
CA LEU A 18 5.60 -10.19 16.16
C LEU A 18 5.27 -9.09 15.15
N LEU A 19 5.63 -9.28 13.86
CA LEU A 19 5.29 -8.36 12.78
C LEU A 19 3.76 -8.18 12.69
N GLU A 20 2.99 -9.29 12.72
CA GLU A 20 1.52 -9.28 12.67
C GLU A 20 0.89 -8.62 13.88
N ALA A 21 1.46 -8.82 15.08
CA ALA A 21 0.95 -8.21 16.32
C ALA A 21 1.22 -6.71 16.32
N ALA A 22 2.42 -6.28 15.84
CA ALA A 22 2.82 -4.87 15.75
C ALA A 22 1.90 -4.13 14.77
N ARG A 23 1.56 -4.77 13.63
CA ARG A 23 0.67 -4.22 12.60
C ARG A 23 -0.78 -4.11 13.15
N ALA A 24 -1.28 -5.16 13.83
CA ALA A 24 -2.63 -5.24 14.39
C ALA A 24 -2.86 -4.36 15.64
N GLY A 25 -1.79 -3.92 16.28
CA GLY A 25 -1.89 -3.10 17.47
C GLY A 25 -2.16 -3.89 18.73
N GLN A 26 -1.70 -5.15 18.76
CA GLN A 26 -1.86 -6.07 19.90
C GLN A 26 -0.69 -5.92 20.84
N ASP A 27 -0.76 -4.91 21.70
CA ASP A 27 0.33 -4.57 22.62
C ASP A 27 0.71 -5.66 23.62
N ASP A 28 -0.26 -6.40 24.15
CA ASP A 28 -0.04 -7.49 25.08
C ASP A 28 0.74 -8.63 24.42
N GLU A 29 0.37 -8.97 23.15
CA GLU A 29 0.99 -10.02 22.35
C GLU A 29 2.40 -9.66 21.93
N VAL A 30 2.67 -8.37 21.62
CA VAL A 30 3.99 -7.84 21.27
C VAL A 30 4.95 -8.11 22.42
N ARG A 31 4.52 -7.78 23.66
CA ARG A 31 5.32 -7.96 24.86
C ARG A 31 5.57 -9.42 25.11
N ILE A 32 4.52 -10.27 25.03
CA ILE A 32 4.62 -11.70 25.26
C ILE A 32 5.56 -12.37 24.26
N LEU A 33 5.39 -12.06 22.96
CA LEU A 33 6.21 -12.60 21.89
C LEU A 33 7.68 -12.32 22.09
N MET A 34 8.03 -11.04 22.33
CA MET A 34 9.40 -10.62 22.62
C MET A 34 9.97 -11.34 23.87
N ALA A 35 9.18 -11.49 24.95
CA ALA A 35 9.64 -12.16 26.18
C ALA A 35 9.90 -13.65 25.93
N ASN A 36 9.26 -14.22 24.92
CA ASN A 36 9.39 -15.61 24.54
C ASN A 36 10.36 -15.86 23.37
N GLY A 37 11.14 -14.84 23.02
CA GLY A 37 12.17 -15.00 22.00
C GLY A 37 11.98 -14.39 20.63
N ALA A 38 10.89 -13.66 20.39
CA ALA A 38 10.74 -13.02 19.08
C ALA A 38 11.76 -11.88 18.95
N ASP A 39 12.48 -11.86 17.83
CA ASP A 39 13.49 -10.83 17.56
C ASP A 39 12.79 -9.51 17.29
N VAL A 40 13.08 -8.48 18.12
CA VAL A 40 12.53 -7.12 17.99
C VAL A 40 12.77 -6.54 16.57
N ASN A 41 13.88 -6.95 15.95
CA ASN A 41 14.28 -6.52 14.60
C ASN A 41 14.03 -7.56 13.52
N ALA A 42 12.99 -8.42 13.72
CA ALA A 42 12.56 -9.39 12.73
C ALA A 42 12.11 -8.61 11.47
N THR A 43 12.39 -9.13 10.29
CA THR A 43 12.01 -8.45 9.05
C THR A 43 11.21 -9.37 8.16
N ASP A 44 10.31 -8.81 7.36
CA ASP A 44 9.60 -9.61 6.38
C ASP A 44 10.44 -9.65 5.08
N ALA A 45 9.95 -10.29 4.01
CA ALA A 45 10.66 -10.39 2.72
C ALA A 45 11.08 -9.03 2.13
N SER A 46 10.40 -7.93 2.50
CA SER A 46 10.71 -6.58 2.00
C SER A 46 11.56 -5.70 2.96
N GLY A 47 12.00 -6.28 4.09
CA GLY A 47 12.86 -5.61 5.06
C GLY A 47 12.14 -4.79 6.11
N LEU A 48 10.79 -4.90 6.17
CA LEU A 48 9.98 -4.18 7.15
C LEU A 48 10.08 -4.86 8.50
N THR A 49 10.34 -4.06 9.55
CA THR A 49 10.48 -4.53 10.92
C THR A 49 9.17 -4.27 11.69
N PRO A 50 8.98 -4.85 12.91
CA PRO A 50 7.78 -4.51 13.71
C PRO A 50 7.61 -3.01 13.92
N LEU A 51 8.73 -2.26 14.07
CA LEU A 51 8.72 -0.81 14.25
C LEU A 51 8.16 -0.07 13.04
N HIS A 52 8.54 -0.49 11.82
CA HIS A 52 8.01 0.06 10.57
C HIS A 52 6.46 -0.10 10.56
N LEU A 53 5.97 -1.29 10.95
CA LEU A 53 4.55 -1.62 10.96
C LEU A 53 3.75 -0.85 11.99
N ALA A 54 4.26 -0.78 13.22
CA ALA A 54 3.60 -0.02 14.30
C ALA A 54 3.58 1.50 13.98
N ALA A 55 4.67 2.02 13.34
CA ALA A 55 4.80 3.42 12.88
C ALA A 55 3.83 3.74 11.76
N THR A 56 3.52 2.78 10.87
CA THR A 56 2.60 2.97 9.74
C THR A 56 1.15 2.98 10.23
N TYR A 57 0.80 2.04 11.10
CA TYR A 57 -0.53 1.83 11.62
C TYR A 57 -0.96 2.72 12.80
N GLY A 58 -0.06 3.59 13.23
CA GLY A 58 -0.30 4.56 14.29
C GLY A 58 -0.39 3.99 15.69
N HIS A 59 0.32 2.86 15.98
CA HIS A 59 0.32 2.24 17.31
C HIS A 59 1.46 2.76 18.15
N LEU A 60 1.23 3.92 18.77
CA LEU A 60 2.19 4.64 19.61
C LEU A 60 2.78 3.84 20.76
N GLU A 61 1.94 3.19 21.59
CA GLU A 61 2.42 2.36 22.71
C GLU A 61 3.33 1.23 22.21
N ILE A 62 3.00 0.59 21.08
CA ILE A 62 3.82 -0.48 20.48
C ILE A 62 5.17 0.11 19.99
N VAL A 63 5.16 1.33 19.41
CA VAL A 63 6.37 2.02 18.95
C VAL A 63 7.33 2.20 20.14
N GLU A 64 6.80 2.73 21.28
CA GLU A 64 7.55 2.96 22.51
C GLU A 64 8.08 1.65 23.11
N VAL A 65 7.27 0.58 23.13
CA VAL A 65 7.64 -0.74 23.68
C VAL A 65 8.78 -1.36 22.86
N LEU A 66 8.67 -1.32 21.51
CA LEU A 66 9.66 -1.82 20.56
C LEU A 66 11.02 -1.14 20.74
N LEU A 67 11.01 0.20 20.89
CA LEU A 67 12.19 1.03 21.09
C LEU A 67 12.87 0.75 22.42
N LYS A 68 12.08 0.57 23.52
CA LYS A 68 12.60 0.25 24.85
C LYS A 68 13.29 -1.14 24.87
N HIS A 69 12.88 -2.03 23.93
CA HIS A 69 13.42 -3.39 23.77
C HIS A 69 14.52 -3.53 22.72
N GLY A 70 15.02 -2.41 22.23
CA GLY A 70 16.14 -2.41 21.29
C GLY A 70 15.88 -2.40 19.81
N ALA A 71 14.69 -1.96 19.38
CA ALA A 71 14.35 -1.85 17.96
C ALA A 71 15.27 -0.84 17.28
N ASP A 72 15.71 -1.15 16.05
CA ASP A 72 16.56 -0.27 15.27
C ASP A 72 15.67 0.87 14.75
N VAL A 73 15.83 2.06 15.35
CA VAL A 73 15.03 3.25 15.01
C VAL A 73 15.22 3.68 13.55
N ASN A 74 16.39 3.35 12.96
CA ASN A 74 16.75 3.70 11.60
C ASN A 74 16.83 2.52 10.64
N ALA A 75 16.08 1.44 10.94
CA ALA A 75 15.97 0.27 10.08
C ALA A 75 15.40 0.69 8.74
N ILE A 76 15.99 0.22 7.65
CA ILE A 76 15.53 0.54 6.30
C ILE A 76 15.02 -0.71 5.64
N ASP A 77 13.94 -0.58 4.85
CA ASP A 77 13.40 -1.69 4.08
C ASP A 77 14.06 -1.64 2.69
N ILE A 78 13.62 -2.48 1.76
CA ILE A 78 14.20 -2.56 0.39
C ILE A 78 14.17 -1.22 -0.40
N MET A 79 13.20 -0.34 -0.08
CA MET A 79 12.98 1.00 -0.67
C MET A 79 13.72 2.12 0.10
N GLY A 80 14.41 1.77 1.18
CA GLY A 80 15.16 2.71 2.01
C GLY A 80 14.33 3.51 2.98
N SER A 81 13.05 3.10 3.20
CA SER A 81 12.11 3.74 4.12
C SER A 81 12.42 3.35 5.55
N THR A 82 12.71 4.38 6.38
CA THR A 82 12.92 4.21 7.81
C THR A 82 11.51 4.32 8.44
N PRO A 83 11.29 3.93 9.72
CA PRO A 83 9.95 4.14 10.33
C PRO A 83 9.56 5.63 10.35
N LEU A 84 10.55 6.58 10.43
CA LEU A 84 10.26 8.02 10.38
C LEU A 84 9.62 8.43 9.06
N HIS A 85 10.09 7.88 7.92
CA HIS A 85 9.54 8.12 6.59
C HIS A 85 8.08 7.73 6.59
N LEU A 86 7.77 6.50 7.12
CA LEU A 86 6.40 5.96 7.17
C LEU A 86 5.44 6.74 8.05
N ALA A 87 5.89 7.19 9.25
CA ALA A 87 5.10 8.00 10.17
C ALA A 87 4.85 9.42 9.57
N ALA A 88 5.88 10.03 8.94
CA ALA A 88 5.79 11.35 8.31
C ALA A 88 4.84 11.33 7.08
N LEU A 89 4.91 10.26 6.28
CA LEU A 89 4.06 10.03 5.09
C LEU A 89 2.57 9.87 5.48
N ILE A 90 2.28 8.94 6.42
CA ILE A 90 0.90 8.67 6.89
C ILE A 90 0.34 9.87 7.66
N GLY A 91 1.17 10.46 8.52
CA GLY A 91 0.83 11.64 9.31
C GLY A 91 0.59 11.40 10.78
N HIS A 92 1.38 10.51 11.42
CA HIS A 92 1.26 10.22 12.86
C HIS A 92 2.25 11.10 13.63
N LEU A 93 1.79 12.29 14.07
CA LEU A 93 2.60 13.29 14.75
C LEU A 93 3.31 12.79 16.01
N GLU A 94 2.58 12.17 16.96
CA GLU A 94 3.13 11.67 18.21
C GLU A 94 4.19 10.58 17.97
N ILE A 95 4.00 9.77 16.95
CA ILE A 95 4.96 8.75 16.56
C ILE A 95 6.25 9.38 15.99
N VAL A 96 6.11 10.43 15.16
CA VAL A 96 7.24 11.19 14.58
C VAL A 96 8.09 11.73 15.76
N GLU A 97 7.41 12.34 16.76
CA GLU A 97 8.04 12.91 17.95
C GLU A 97 8.78 11.86 18.80
N VAL A 98 8.17 10.67 19.01
CA VAL A 98 8.79 9.56 19.76
C VAL A 98 10.01 9.01 19.01
N LEU A 99 9.90 8.79 17.69
CA LEU A 99 10.99 8.35 16.82
C LEU A 99 12.19 9.30 16.88
N LEU A 100 11.94 10.62 16.77
CA LEU A 100 12.99 11.65 16.84
C LEU A 100 13.69 11.68 18.18
N LYS A 101 12.91 11.48 19.28
CA LYS A 101 13.36 11.41 20.67
C LYS A 101 14.32 10.22 20.88
N HIS A 102 14.06 9.09 20.18
CA HIS A 102 14.88 7.88 20.21
C HIS A 102 15.99 7.80 19.15
N GLY A 103 16.33 8.94 18.55
CA GLY A 103 17.42 9.04 17.59
C GLY A 103 17.17 8.70 16.14
N ALA A 104 15.96 8.96 15.62
CA ALA A 104 15.67 8.72 14.20
C ALA A 104 16.45 9.73 13.36
N ASP A 105 17.06 9.29 12.25
CA ASP A 105 17.82 10.15 11.35
C ASP A 105 16.80 11.02 10.61
N VAL A 106 16.69 12.29 11.04
CA VAL A 106 15.75 13.26 10.48
C VAL A 106 15.98 13.49 8.96
N ASN A 107 17.23 13.32 8.52
CA ASN A 107 17.64 13.54 7.14
C ASN A 107 17.86 12.28 6.32
N ALA A 108 17.30 11.13 6.75
CA ALA A 108 17.40 9.86 6.05
C ALA A 108 16.77 9.99 4.66
N VAL A 109 17.47 9.56 3.62
CA VAL A 109 17.01 9.59 2.22
C VAL A 109 16.65 8.16 1.75
N ASP A 110 15.44 7.98 1.18
CA ASP A 110 14.96 6.66 0.70
C ASP A 110 15.45 6.47 -0.75
N THR A 111 14.98 5.41 -1.40
CA THR A 111 15.33 5.06 -2.77
C THR A 111 15.00 6.13 -3.83
N TRP A 112 13.97 6.95 -3.59
CA TRP A 112 13.51 8.01 -4.51
C TRP A 112 14.13 9.35 -4.19
N GLY A 113 15.06 9.38 -3.24
CA GLY A 113 15.70 10.61 -2.83
C GLY A 113 14.86 11.46 -1.90
N ASP A 114 13.81 10.85 -1.25
CA ASP A 114 12.92 11.59 -0.35
C ASP A 114 13.30 11.44 1.11
N THR A 115 13.15 12.54 1.84
CA THR A 115 13.43 12.59 3.27
C THR A 115 12.07 12.59 3.96
N PRO A 116 11.99 12.34 5.29
CA PRO A 116 10.69 12.44 5.96
C PRO A 116 10.06 13.85 5.82
N LEU A 117 10.89 14.92 5.76
CA LEU A 117 10.43 16.30 5.56
C LEU A 117 9.68 16.47 4.24
N ARG A 118 10.27 15.96 3.12
CA ARG A 118 9.70 16.01 1.77
CA ARG A 118 9.64 16.08 1.80
C ARG A 118 8.34 15.31 1.75
N LEU A 119 8.29 14.08 2.34
CA LEU A 119 7.10 13.26 2.41
C LEU A 119 5.98 13.93 3.20
N ALA A 120 6.29 14.53 4.37
CA ALA A 120 5.29 15.23 5.18
C ALA A 120 4.76 16.48 4.45
N ALA A 121 5.64 17.19 3.70
CA ALA A 121 5.31 18.39 2.95
C ALA A 121 4.36 18.09 1.79
N ILE A 122 4.68 17.10 0.97
CA ILE A 122 3.85 16.69 -0.18
C ILE A 122 2.48 16.22 0.23
N MET A 123 2.39 15.61 1.41
CA MET A 123 1.15 15.12 2.01
C MET A 123 0.38 16.25 2.73
N GLY A 124 0.99 17.42 2.89
CA GLY A 124 0.39 18.54 3.60
C GLY A 124 0.31 18.35 5.10
N HIS A 125 1.20 17.50 5.70
CA HIS A 125 1.25 17.27 7.16
C HIS A 125 2.14 18.38 7.78
N LEU A 126 1.58 19.60 7.92
CA LEU A 126 2.29 20.79 8.37
C LEU A 126 2.85 20.76 9.78
N GLU A 127 2.09 20.19 10.77
CA GLU A 127 2.58 20.07 12.15
C GLU A 127 3.84 19.19 12.19
N ILE A 128 3.86 18.11 11.39
CA ILE A 128 5.02 17.21 11.27
C ILE A 128 6.21 17.95 10.63
N VAL A 129 5.94 18.76 9.56
CA VAL A 129 6.94 19.57 8.85
C VAL A 129 7.70 20.46 9.85
N GLU A 130 6.95 21.22 10.68
CA GLU A 130 7.45 22.10 11.74
C GLU A 130 8.29 21.28 12.74
N VAL A 131 7.76 20.12 13.21
CA VAL A 131 8.47 19.26 14.15
C VAL A 131 9.83 18.81 13.55
N LEU A 132 9.83 18.33 12.28
CA LEU A 132 11.02 17.88 11.58
C LEU A 132 12.03 18.99 11.46
N LEU A 133 11.59 20.20 11.08
CA LEU A 133 12.44 21.38 10.95
C LEU A 133 13.07 21.80 12.28
N LYS A 134 12.31 21.69 13.38
CA LYS A 134 12.78 22.02 14.72
C LYS A 134 13.83 21.00 15.19
N HIS A 135 13.77 19.76 14.63
CA HIS A 135 14.73 18.69 14.88
C HIS A 135 15.91 18.61 13.90
N GLY A 136 16.09 19.63 13.08
CA GLY A 136 17.22 19.70 12.18
C GLY A 136 17.03 19.18 10.78
N ALA A 137 15.78 19.04 10.32
CA ALA A 137 15.57 18.58 8.96
C ALA A 137 16.20 19.58 8.01
N ASP A 138 17.04 19.05 7.11
CA ASP A 138 17.79 19.81 6.13
C ASP A 138 16.92 19.96 4.91
N VAL A 139 16.57 21.20 4.64
CA VAL A 139 15.75 21.63 3.54
C VAL A 139 16.43 21.33 2.15
N ASN A 140 17.76 21.11 2.15
CA ASN A 140 18.56 20.84 0.96
C ASN A 140 19.01 19.36 0.80
N ALA A 141 18.57 18.47 1.70
CA ALA A 141 18.93 17.05 1.66
C ALA A 141 18.28 16.35 0.47
N GLY B 11 -19.48 -12.39 -30.62
CA GLY B 11 -19.62 -11.15 -29.85
C GLY B 11 -19.81 -11.38 -28.37
N SER B 12 -20.84 -12.18 -28.02
CA SER B 12 -21.16 -12.54 -26.63
C SER B 12 -20.15 -13.60 -26.17
N ASP B 13 -20.01 -14.70 -26.96
CA ASP B 13 -19.07 -15.81 -26.72
C ASP B 13 -17.62 -15.34 -26.90
N LEU B 14 -17.41 -14.35 -27.76
CA LEU B 14 -16.11 -13.74 -28.02
C LEU B 14 -15.65 -12.94 -26.78
N GLY B 15 -16.56 -12.20 -26.17
CA GLY B 15 -16.33 -11.44 -24.94
C GLY B 15 -16.15 -12.35 -23.73
N LYS B 16 -16.90 -13.48 -23.71
CA LYS B 16 -16.84 -14.52 -22.68
C LYS B 16 -15.48 -15.20 -22.72
N LYS B 17 -14.98 -15.47 -23.92
CA LYS B 17 -13.67 -16.08 -24.10
C LYS B 17 -12.55 -15.13 -23.68
N LEU B 18 -12.70 -13.81 -23.99
CA LEU B 18 -11.72 -12.80 -23.62
C LEU B 18 -11.59 -12.68 -22.10
N LEU B 19 -12.73 -12.67 -21.38
CA LEU B 19 -12.77 -12.65 -19.91
C LEU B 19 -12.03 -13.87 -19.35
N GLU B 20 -12.31 -15.08 -19.91
CA GLU B 20 -11.67 -16.33 -19.47
C GLU B 20 -10.19 -16.35 -19.75
N ALA B 21 -9.76 -15.82 -20.90
CA ALA B 21 -8.35 -15.75 -21.29
C ALA B 21 -7.60 -14.77 -20.37
N ALA B 22 -8.21 -13.61 -20.06
CA ALA B 22 -7.63 -12.58 -19.20
C ALA B 22 -7.44 -13.12 -17.78
N ARG B 23 -8.42 -13.89 -17.27
CA ARG B 23 -8.36 -14.52 -15.93
C ARG B 23 -7.30 -15.62 -15.88
N ALA B 24 -7.24 -16.48 -16.92
CA ALA B 24 -6.30 -17.62 -17.02
C ALA B 24 -4.84 -17.20 -17.32
N GLY B 25 -4.64 -15.97 -17.78
CA GLY B 25 -3.31 -15.49 -18.11
C GLY B 25 -2.83 -15.95 -19.46
N GLN B 26 -3.75 -16.18 -20.40
CA GLN B 26 -3.45 -16.61 -21.78
C GLN B 26 -3.26 -15.40 -22.67
N ASP B 27 -2.06 -14.80 -22.61
CA ASP B 27 -1.72 -13.59 -23.34
C ASP B 27 -1.85 -13.67 -24.85
N ASP B 28 -1.50 -14.83 -25.45
CA ASP B 28 -1.61 -15.07 -26.89
C ASP B 28 -3.07 -15.06 -27.34
N GLU B 29 -3.96 -15.68 -26.55
CA GLU B 29 -5.39 -15.77 -26.80
C GLU B 29 -6.09 -14.43 -26.64
N VAL B 30 -5.64 -13.60 -25.68
CA VAL B 30 -6.15 -12.25 -25.43
C VAL B 30 -5.95 -11.41 -26.70
N ARG B 31 -4.73 -11.47 -27.27
CA ARG B 31 -4.37 -10.75 -28.48
C ARG B 31 -5.19 -11.23 -29.68
N ILE B 32 -5.29 -12.56 -29.86
CA ILE B 32 -6.05 -13.15 -30.95
C ILE B 32 -7.53 -12.79 -30.87
N LEU B 33 -8.12 -12.92 -29.67
CA LEU B 33 -9.55 -12.57 -29.44
C LEU B 33 -9.86 -11.12 -29.77
N MET B 34 -8.97 -10.22 -29.38
CA MET B 34 -9.11 -8.80 -29.67
C MET B 34 -8.97 -8.48 -31.16
N ALA B 35 -8.07 -9.20 -31.88
CA ALA B 35 -7.88 -9.05 -33.33
C ALA B 35 -9.11 -9.61 -34.09
N ASN B 36 -9.90 -10.45 -33.44
CA ASN B 36 -11.09 -11.04 -34.01
C ASN B 36 -12.38 -10.31 -33.60
N GLY B 37 -12.23 -9.17 -32.92
CA GLY B 37 -13.35 -8.31 -32.52
C GLY B 37 -13.92 -8.45 -31.12
N ALA B 38 -13.22 -9.14 -30.19
CA ALA B 38 -13.72 -9.25 -28.80
C ALA B 38 -13.65 -7.87 -28.19
N ASP B 39 -14.75 -7.44 -27.56
CA ASP B 39 -14.83 -6.13 -26.91
C ASP B 39 -13.90 -6.11 -25.69
N VAL B 40 -12.90 -5.23 -25.71
CA VAL B 40 -11.91 -5.02 -24.63
C VAL B 40 -12.61 -4.76 -23.28
N ASN B 41 -13.81 -4.12 -23.33
CA ASN B 41 -14.62 -3.78 -22.17
C ASN B 41 -15.82 -4.70 -21.98
N ALA B 42 -15.70 -5.99 -22.42
CA ALA B 42 -16.74 -7.00 -22.22
C ALA B 42 -16.91 -7.21 -20.71
N THR B 43 -18.14 -7.46 -20.24
CA THR B 43 -18.36 -7.65 -18.79
C THR B 43 -19.09 -8.94 -18.49
N ASP B 44 -18.83 -9.54 -17.32
CA ASP B 44 -19.55 -10.72 -16.89
C ASP B 44 -20.82 -10.27 -16.16
N ALA B 45 -21.60 -11.22 -15.59
CA ALA B 45 -22.84 -10.98 -14.84
C ALA B 45 -22.66 -9.96 -13.70
N SER B 46 -21.44 -9.82 -13.14
CA SER B 46 -21.18 -8.87 -12.05
C SER B 46 -20.49 -7.54 -12.46
N GLY B 47 -20.30 -7.32 -13.76
CA GLY B 47 -19.72 -6.09 -14.29
C GLY B 47 -18.20 -6.08 -14.39
N LEU B 48 -17.56 -7.24 -14.15
CA LEU B 48 -16.11 -7.39 -14.23
C LEU B 48 -15.69 -7.44 -15.67
N THR B 49 -14.67 -6.65 -16.01
CA THR B 49 -14.11 -6.57 -17.36
C THR B 49 -12.84 -7.43 -17.45
N PRO B 50 -12.29 -7.71 -18.68
CA PRO B 50 -11.01 -8.44 -18.75
C PRO B 50 -9.90 -7.78 -17.92
N LEU B 51 -9.89 -6.42 -17.82
CA LEU B 51 -8.90 -5.66 -17.05
C LEU B 51 -9.01 -5.94 -15.56
N HIS B 52 -10.24 -6.01 -15.02
CA HIS B 52 -10.49 -6.38 -13.62
C HIS B 52 -9.90 -7.75 -13.33
N LEU B 53 -10.12 -8.72 -14.25
CA LEU B 53 -9.68 -10.11 -14.08
C LEU B 53 -8.16 -10.26 -14.18
N ALA B 54 -7.53 -9.62 -15.17
CA ALA B 54 -6.07 -9.64 -15.31
C ALA B 54 -5.38 -8.93 -14.11
N ALA B 55 -5.99 -7.84 -13.59
CA ALA B 55 -5.52 -7.08 -12.43
C ALA B 55 -5.64 -7.91 -11.14
N THR B 56 -6.67 -8.77 -11.02
CA THR B 56 -6.86 -9.61 -9.84
C THR B 56 -5.86 -10.77 -9.81
N TYR B 57 -5.69 -11.43 -10.95
CA TYR B 57 -4.87 -12.62 -11.13
C TYR B 57 -3.39 -12.38 -11.38
N GLY B 58 -2.98 -11.12 -11.38
CA GLY B 58 -1.60 -10.69 -11.52
C GLY B 58 -0.97 -10.85 -12.88
N HIS B 59 -1.77 -10.75 -13.94
CA HIS B 59 -1.25 -10.87 -15.29
C HIS B 59 -0.92 -9.49 -15.87
N LEU B 60 0.29 -9.02 -15.55
CA LEU B 60 0.82 -7.72 -15.96
C LEU B 60 0.82 -7.47 -17.47
N GLU B 61 1.38 -8.40 -18.27
CA GLU B 61 1.42 -8.25 -19.73
C GLU B 61 0.00 -8.14 -20.32
N ILE B 62 -0.97 -8.90 -19.80
CA ILE B 62 -2.38 -8.83 -20.23
C ILE B 62 -3.00 -7.45 -19.86
N VAL B 63 -2.66 -6.91 -18.65
CA VAL B 63 -3.12 -5.58 -18.19
C VAL B 63 -2.65 -4.51 -19.21
N GLU B 64 -1.36 -4.54 -19.58
CA GLU B 64 -0.75 -3.61 -20.52
C GLU B 64 -1.36 -3.72 -21.91
N VAL B 65 -1.61 -4.94 -22.37
CA VAL B 65 -2.19 -5.22 -23.69
C VAL B 65 -3.64 -4.70 -23.82
N LEU B 66 -4.46 -4.88 -22.76
CA LEU B 66 -5.84 -4.38 -22.75
C LEU B 66 -5.86 -2.83 -22.75
N LEU B 67 -5.01 -2.21 -21.89
CA LEU B 67 -4.92 -0.75 -21.79
C LEU B 67 -4.51 -0.09 -23.11
N LYS B 68 -3.52 -0.68 -23.83
CA LYS B 68 -3.07 -0.23 -25.15
C LYS B 68 -4.20 -0.35 -26.20
N HIS B 69 -5.18 -1.27 -25.98
CA HIS B 69 -6.32 -1.53 -26.86
C HIS B 69 -7.61 -0.81 -26.45
N GLY B 70 -7.51 0.14 -25.52
CA GLY B 70 -8.64 0.97 -25.10
C GLY B 70 -9.51 0.51 -23.93
N ALA B 71 -8.96 -0.33 -23.03
CA ALA B 71 -9.69 -0.79 -21.84
C ALA B 71 -9.95 0.40 -20.92
N ASP B 72 -11.16 0.46 -20.34
CA ASP B 72 -11.54 1.49 -19.40
C ASP B 72 -10.80 1.20 -18.08
N VAL B 73 -9.77 2.00 -17.79
CA VAL B 73 -8.92 1.87 -16.60
C VAL B 73 -9.74 2.03 -15.30
N ASN B 74 -10.85 2.77 -15.36
CA ASN B 74 -11.72 3.05 -14.23
C ASN B 74 -13.09 2.37 -14.30
N ALA B 75 -13.18 1.24 -15.03
CA ALA B 75 -14.38 0.43 -15.13
C ALA B 75 -14.76 -0.04 -13.73
N ILE B 76 -16.04 0.04 -13.39
CA ILE B 76 -16.53 -0.40 -12.10
C ILE B 76 -17.45 -1.58 -12.29
N ASP B 77 -17.42 -2.52 -11.33
CA ASP B 77 -18.31 -3.66 -11.32
C ASP B 77 -19.54 -3.28 -10.47
N ILE B 78 -20.45 -4.23 -10.21
CA ILE B 78 -21.67 -3.99 -9.43
C ILE B 78 -21.45 -3.40 -8.04
N MET B 79 -20.31 -3.73 -7.43
CA MET B 79 -19.83 -3.36 -6.11
C MET B 79 -19.10 -1.99 -6.19
N GLY B 80 -18.86 -1.50 -7.41
CA GLY B 80 -18.16 -0.26 -7.66
C GLY B 80 -16.65 -0.38 -7.61
N SER B 81 -16.13 -1.62 -7.70
CA SER B 81 -14.67 -1.82 -7.66
C SER B 81 -14.04 -1.53 -9.00
N THR B 82 -12.93 -0.78 -8.98
CA THR B 82 -12.17 -0.53 -10.19
C THR B 82 -11.03 -1.57 -10.23
N PRO B 83 -10.30 -1.76 -11.37
CA PRO B 83 -9.16 -2.69 -11.36
C PRO B 83 -8.08 -2.29 -10.34
N LEU B 84 -7.95 -0.98 -10.01
CA LEU B 84 -6.98 -0.51 -9.00
C LEU B 84 -7.33 -1.04 -7.63
N HIS B 85 -8.65 -1.09 -7.28
CA HIS B 85 -9.12 -1.66 -6.01
C HIS B 85 -8.66 -3.11 -5.92
N LEU B 86 -8.86 -3.87 -7.00
CA LEU B 86 -8.52 -5.30 -7.03
C LEU B 86 -7.04 -5.60 -6.97
N ALA B 87 -6.22 -4.82 -7.67
CA ALA B 87 -4.75 -4.96 -7.65
C ALA B 87 -4.17 -4.58 -6.29
N ALA B 88 -4.73 -3.51 -5.67
CA ALA B 88 -4.34 -3.02 -4.36
C ALA B 88 -4.72 -4.03 -3.30
N LEU B 89 -5.85 -4.73 -3.50
CA LEU B 89 -6.34 -5.76 -2.58
C LEU B 89 -5.47 -7.02 -2.63
N ILE B 90 -5.24 -7.54 -3.84
CA ILE B 90 -4.48 -8.78 -4.04
C ILE B 90 -2.98 -8.60 -3.85
N GLY B 91 -2.50 -7.37 -4.04
CA GLY B 91 -1.11 -7.01 -3.79
C GLY B 91 -0.17 -7.06 -4.97
N HIS B 92 -0.66 -6.71 -6.15
CA HIS B 92 0.15 -6.69 -7.37
C HIS B 92 0.70 -5.30 -7.61
N LEU B 93 1.90 -5.02 -7.06
CA LEU B 93 2.57 -3.71 -7.11
C LEU B 93 2.77 -3.16 -8.52
N GLU B 94 3.37 -3.93 -9.42
CA GLU B 94 3.64 -3.54 -10.81
C GLU B 94 2.35 -3.21 -11.57
N ILE B 95 1.27 -3.95 -11.30
CA ILE B 95 -0.03 -3.70 -11.88
C ILE B 95 -0.63 -2.37 -11.36
N VAL B 96 -0.51 -2.10 -10.04
CA VAL B 96 -0.96 -0.85 -9.40
C VAL B 96 -0.26 0.33 -10.12
N GLU B 97 1.06 0.22 -10.30
CA GLU B 97 1.89 1.22 -10.97
C GLU B 97 1.49 1.45 -12.44
N VAL B 98 1.21 0.37 -13.21
CA VAL B 98 0.78 0.45 -14.62
C VAL B 98 -0.60 1.12 -14.69
N LEU B 99 -1.53 0.73 -13.79
CA LEU B 99 -2.88 1.31 -13.74
C LEU B 99 -2.84 2.82 -13.44
N LEU B 100 -2.02 3.24 -12.46
CA LEU B 100 -1.84 4.64 -12.11
C LEU B 100 -1.28 5.46 -13.26
N LYS B 101 -0.32 4.87 -14.01
CA LYS B 101 0.36 5.44 -15.17
C LYS B 101 -0.64 5.68 -16.32
N HIS B 102 -1.64 4.79 -16.45
CA HIS B 102 -2.70 4.86 -17.46
C HIS B 102 -3.97 5.61 -17.00
N GLY B 103 -3.86 6.36 -15.91
CA GLY B 103 -4.94 7.20 -15.40
C GLY B 103 -5.98 6.59 -14.48
N ALA B 104 -5.60 5.61 -13.65
CA ALA B 104 -6.55 5.03 -12.68
C ALA B 104 -6.86 6.07 -11.59
N ASP B 105 -8.14 6.19 -11.21
CA ASP B 105 -8.58 7.11 -10.16
C ASP B 105 -8.10 6.54 -8.83
N VAL B 106 -7.03 7.14 -8.28
CA VAL B 106 -6.41 6.74 -7.02
C VAL B 106 -7.40 6.77 -5.84
N ASN B 107 -8.39 7.68 -5.90
CA ASN B 107 -9.38 7.89 -4.86
C ASN B 107 -10.76 7.33 -5.16
N ALA B 108 -10.84 6.36 -6.09
CA ALA B 108 -12.10 5.71 -6.45
C ALA B 108 -12.70 5.04 -5.22
N VAL B 109 -13.98 5.29 -4.98
CA VAL B 109 -14.71 4.71 -3.86
C VAL B 109 -15.71 3.66 -4.39
N ASP B 110 -15.72 2.48 -3.76
CA ASP B 110 -16.68 1.45 -4.14
C ASP B 110 -18.00 1.73 -3.38
N THR B 111 -19.03 0.89 -3.53
CA THR B 111 -20.32 1.11 -2.86
C THR B 111 -20.25 1.10 -1.33
N TRP B 112 -19.08 0.79 -0.76
CA TRP B 112 -18.88 0.75 0.69
C TRP B 112 -18.05 1.90 1.21
N GLY B 113 -17.63 2.80 0.31
CA GLY B 113 -16.75 3.91 0.63
C GLY B 113 -15.32 3.46 0.74
N ASP B 114 -15.01 2.21 0.30
CA ASP B 114 -13.64 1.72 0.33
C ASP B 114 -12.86 2.19 -0.89
N THR B 115 -11.64 2.65 -0.64
CA THR B 115 -10.68 3.15 -1.60
C THR B 115 -9.56 2.12 -1.82
N PRO B 116 -8.76 2.16 -2.90
CA PRO B 116 -7.64 1.19 -3.02
C PRO B 116 -6.68 1.22 -1.81
N LEU B 117 -6.44 2.41 -1.20
CA LEU B 117 -5.56 2.56 -0.03
C LEU B 117 -6.09 1.83 1.19
N ARG B 118 -7.41 1.85 1.39
CA ARG B 118 -8.01 1.15 2.51
C ARG B 118 -7.80 -0.37 2.35
N LEU B 119 -7.99 -0.89 1.12
CA LEU B 119 -7.86 -2.31 0.79
C LEU B 119 -6.44 -2.84 0.94
N ALA B 120 -5.44 -2.06 0.50
CA ALA B 120 -4.01 -2.37 0.62
C ALA B 120 -3.59 -2.34 2.12
N ALA B 121 -4.06 -1.30 2.86
CA ALA B 121 -3.79 -1.15 4.30
C ALA B 121 -4.29 -2.40 5.08
N ILE B 122 -5.56 -2.83 4.84
CA ILE B 122 -6.18 -4.00 5.48
C ILE B 122 -5.36 -5.24 5.21
N MET B 123 -4.83 -5.35 4.00
CA MET B 123 -4.04 -6.50 3.56
C MET B 123 -2.57 -6.41 4.00
N GLY B 124 -2.16 -5.25 4.52
CA GLY B 124 -0.77 -5.00 4.90
C GLY B 124 0.18 -4.83 3.73
N HIS B 125 -0.33 -4.44 2.53
CA HIS B 125 0.50 -4.24 1.31
C HIS B 125 1.11 -2.83 1.36
N LEU B 126 2.19 -2.67 2.16
CA LEU B 126 2.84 -1.39 2.41
C LEU B 126 3.48 -0.70 1.23
N GLU B 127 4.15 -1.46 0.34
CA GLU B 127 4.77 -0.87 -0.87
C GLU B 127 3.69 -0.22 -1.75
N ILE B 128 2.51 -0.87 -1.86
CA ILE B 128 1.36 -0.35 -2.61
C ILE B 128 0.81 0.91 -1.94
N VAL B 129 0.67 0.88 -0.58
CA VAL B 129 0.20 1.98 0.26
C VAL B 129 1.01 3.25 -0.05
N GLU B 130 2.35 3.13 0.01
CA GLU B 130 3.32 4.19 -0.27
C GLU B 130 3.14 4.70 -1.70
N VAL B 131 3.04 3.78 -2.71
CA VAL B 131 2.82 4.15 -4.11
C VAL B 131 1.53 4.98 -4.25
N LEU B 132 0.42 4.49 -3.68
CA LEU B 132 -0.88 5.15 -3.72
C LEU B 132 -0.83 6.54 -3.09
N LEU B 133 -0.18 6.67 -1.92
CA LEU B 133 -0.03 7.94 -1.21
C LEU B 133 0.80 8.93 -2.00
N LYS B 134 1.86 8.45 -2.68
CA LYS B 134 2.72 9.30 -3.50
C LYS B 134 1.97 9.78 -4.75
N HIS B 135 0.94 9.05 -5.16
CA HIS B 135 0.12 9.44 -6.31
C HIS B 135 -1.10 10.31 -5.95
N GLY B 136 -1.27 10.63 -4.67
CA GLY B 136 -2.38 11.45 -4.21
C GLY B 136 -3.54 10.77 -3.51
N ALA B 137 -3.36 9.55 -2.97
CA ALA B 137 -4.46 8.91 -2.22
C ALA B 137 -4.78 9.71 -0.94
N ASP B 138 -6.08 9.87 -0.63
CA ASP B 138 -6.50 10.60 0.55
C ASP B 138 -6.38 9.66 1.76
N VAL B 139 -5.42 9.96 2.64
CA VAL B 139 -5.14 9.21 3.87
C VAL B 139 -6.29 9.27 4.87
N ASN B 140 -7.20 10.28 4.71
CA ASN B 140 -8.32 10.53 5.62
C ASN B 140 -9.71 10.07 5.14
N ALA B 141 -9.78 9.44 3.95
CA ALA B 141 -11.01 8.88 3.40
C ALA B 141 -11.61 7.78 4.33
N GLN B 142 -12.88 7.97 4.71
CA GLN B 142 -13.61 7.04 5.55
C GLN B 142 -14.60 6.20 4.76
N ASP B 143 -14.74 4.91 5.11
CA ASP B 143 -15.70 4.00 4.52
C ASP B 143 -17.03 4.02 5.30
N LYS B 144 -17.94 3.10 4.92
CA LYS B 144 -19.27 2.79 5.47
C LYS B 144 -19.24 2.67 6.99
N PHE B 145 -18.17 2.06 7.54
CA PHE B 145 -17.91 1.79 8.97
C PHE B 145 -17.32 2.99 9.73
N GLY B 146 -17.10 4.09 9.01
CA GLY B 146 -16.50 5.30 9.57
C GLY B 146 -15.04 5.12 9.91
N LYS B 147 -14.36 4.20 9.21
CA LYS B 147 -12.96 3.89 9.42
C LYS B 147 -12.03 4.43 8.31
N THR B 148 -10.79 4.81 8.70
CA THR B 148 -9.77 5.26 7.76
C THR B 148 -8.76 4.10 7.61
N ALA B 149 -7.83 4.22 6.65
CA ALA B 149 -6.85 3.18 6.38
C ALA B 149 -5.93 2.89 7.57
N PHE B 150 -5.44 3.95 8.26
CA PHE B 150 -4.48 3.89 9.36
C PHE B 150 -4.92 4.49 10.69
N ASP B 151 -6.23 4.69 10.90
CA ASP B 151 -6.73 5.33 12.13
C ASP B 151 -6.05 6.71 12.39
N THR B 152 -6.12 7.63 11.36
CA THR B 152 -5.56 8.99 11.43
C THR B 152 -6.60 10.02 11.92
#